data_3HM6
#
_entry.id   3HM6
#
_cell.length_a   74.346
_cell.length_b   74.346
_cell.length_c   214.398
_cell.angle_alpha   90.000
_cell.angle_beta   90.000
_cell.angle_gamma   120.000
#
_symmetry.space_group_name_H-M   'P 31 2 1'
#
loop_
_entity.id
_entity.type
_entity.pdbx_description
1 polymer Plexin-B1
2 polymer 'Unknown peptide'
3 non-polymer 'UNKNOWN ATOM OR ION'
4 water water
#
loop_
_entity_poly.entity_id
_entity_poly.type
_entity_poly.pdbx_seq_one_letter_code
_entity_poly.pdbx_strand_id
1 'polypeptide(L)'
;MGSSHHHHHHSSGLVPRGSYRRKSKQALRDYKKVQIQLENLESSVRDRCKKEFTDLMTEMTDLTSDLLGSGIPFLDYKVY
AERIFFPGHRESPLHRDLGVPESRRPTVEQGLGQLSNLLNSKLFLTKFIHTLETQRTFSARDRAYVASLLTVALHGKLEY
FTDILRTLLSDLVAQYVAKNPKLMLRRTETVVEKLLTNWMSICLYTFVRDSVGEPLYMLFRGIKHQVDKGPVDSVTGKAK
YTLNDNRLLREDVEYRPLTLNALLAVGPGAGEAQGVPVKVLDCDTISQAKEKMLDQLYKGVPLTQRPDPRTLDVEWRSGV
AGHLILSDEDVTSEVQGLWRRLNTLQHYKVPDGATVALVPCLTKHVLRENQDYVPGERTPMLEDVDEGGIRPWHLVKPSD
EPEPPRPRRGSLRGGERERAKAIPEIYLTRLLSMKGTLQKFVDDLFQVILSTSRPVPLAVKYFFDLLDEQAQQHGISDQD
TIHIWKTNSLPLRFWINIIKNPQFVFDVQTSDNMDAVLLVIAQTFMDACTLADHKLGRDSPINKLLYARDIPRYKRMVER
YYADIRQTVPASDQEMNSVLAELSWNYSGDLGARVALHELYKYINKYYDQIITALEEDGTAQKMQLGYRLQQIAAAVENK
VTDL
;
X
2 'polypeptide(L)'
;(UNK)(UNK)(UNK)(UNK)(UNK)(UNK)(UNK)(UNK)(UNK)(UNK)(UNK)(UNK)(UNK)(UNK)(UNK)(UNK)
(UNK)(UNK)(UNK)(UNK)(UNK)(UNK)(UNK)(UNK)(UNK)(UNK)(UNK)
;
C
#
loop_
_chem_comp.id
_chem_comp.type
_chem_comp.name
_chem_comp.formula
UNX non-polymer 'UNKNOWN ATOM OR ION' ?
#
# COMPACT_ATOMS: atom_id res chain seq x y z
N ILE A 72 2.14 -13.87 -11.59
CA ILE A 72 2.08 -12.72 -10.60
C ILE A 72 1.26 -11.57 -11.18
N PRO A 73 0.14 -11.21 -10.53
CA PRO A 73 -0.77 -10.22 -11.07
C PRO A 73 -0.32 -8.78 -10.79
N PHE A 74 0.79 -8.38 -11.42
CA PHE A 74 1.36 -7.03 -11.26
C PHE A 74 0.46 -5.98 -11.84
N LEU A 75 0.19 -4.94 -11.07
CA LEU A 75 -0.49 -3.75 -11.58
C LEU A 75 0.36 -3.07 -12.69
N ASP A 76 -0.32 -2.56 -13.71
CA ASP A 76 0.32 -1.66 -14.68
C ASP A 76 0.79 -0.42 -13.93
N TYR A 77 1.85 0.21 -14.42
CA TYR A 77 2.44 1.37 -13.76
C TYR A 77 1.42 2.44 -13.39
N LYS A 78 0.50 2.71 -14.31
CA LYS A 78 -0.52 3.76 -14.13
C LYS A 78 -1.40 3.49 -12.92
N VAL A 79 -1.82 2.24 -12.69
CA VAL A 79 -2.66 1.91 -11.53
C VAL A 79 -1.84 1.92 -10.22
N TYR A 80 -0.67 1.28 -10.26
CA TYR A 80 0.32 1.38 -9.17
C TYR A 80 0.47 2.82 -8.68
N ALA A 81 0.71 3.73 -9.63
CA ALA A 81 0.95 5.16 -9.38
C ALA A 81 -0.25 5.89 -8.82
N GLU A 82 -1.40 5.76 -9.48
CA GLU A 82 -2.67 6.27 -8.94
C GLU A 82 -2.85 5.89 -7.48
N ARG A 83 -2.69 4.60 -7.18
CA ARG A 83 -2.97 4.07 -5.83
C ARG A 83 -1.99 4.57 -4.79
N ILE A 84 -0.72 4.73 -5.14
CA ILE A 84 0.26 5.29 -4.20
C ILE A 84 0.12 6.81 -4.07
N PHE A 85 -0.18 7.49 -5.19
CA PHE A 85 -0.28 8.94 -5.21
C PHE A 85 -1.51 9.40 -4.47
N PHE A 86 -2.60 8.64 -4.62
CA PHE A 86 -3.91 8.95 -3.98
C PHE A 86 -4.44 7.79 -3.15
N PRO A 87 -3.75 7.47 -2.03
CA PRO A 87 -4.11 6.29 -1.22
C PRO A 87 -5.47 6.37 -0.48
N GLY A 88 -5.91 7.58 -0.16
CA GLY A 88 -7.15 7.75 0.58
C GLY A 88 -8.39 7.80 -0.31
N HIS A 89 -8.34 7.12 -1.46
CA HIS A 89 -9.45 7.03 -2.38
C HIS A 89 -9.51 5.57 -2.87
N SER A 92 -9.58 6.67 -8.13
CA SER A 92 -8.70 7.82 -8.37
C SER A 92 -9.51 9.07 -8.65
N PRO A 93 -9.16 10.18 -7.96
CA PRO A 93 -9.90 11.44 -8.09
C PRO A 93 -9.71 12.16 -9.44
N LEU A 94 -8.77 11.69 -10.24
CA LEU A 94 -8.54 12.27 -11.57
C LEU A 94 -9.32 11.53 -12.66
N HIS A 95 -10.00 10.46 -12.24
CA HIS A 95 -10.87 9.70 -13.13
C HIS A 95 -12.27 10.27 -13.01
N ARG A 96 -12.42 11.53 -13.43
CA ARG A 96 -13.72 12.21 -13.44
C ARG A 96 -13.82 13.11 -14.66
N ASP A 97 -15.05 13.49 -15.00
CA ASP A 97 -15.31 14.50 -16.02
C ASP A 97 -14.83 15.83 -15.45
N LEU A 98 -14.36 16.74 -16.32
CA LEU A 98 -13.98 18.10 -15.86
C LEU A 98 -15.15 18.81 -15.18
N GLY A 99 -16.37 18.52 -15.63
CA GLY A 99 -17.57 19.16 -15.08
C GLY A 99 -17.66 20.62 -15.48
N VAL A 100 -17.04 20.95 -16.61
CA VAL A 100 -17.06 22.30 -17.17
C VAL A 100 -18.04 22.30 -18.34
N PRO A 101 -18.89 23.35 -18.42
CA PRO A 101 -19.91 23.38 -19.48
C PRO A 101 -19.30 23.42 -20.89
N GLU A 102 -19.95 22.75 -21.82
CA GLU A 102 -19.43 22.52 -23.15
C GLU A 102 -18.89 23.81 -23.82
N SER A 103 -19.62 24.92 -23.67
CA SER A 103 -19.23 26.22 -24.23
C SER A 103 -17.91 26.76 -23.66
N ARG A 104 -17.66 26.48 -22.39
CA ARG A 104 -16.46 26.97 -21.69
C ARG A 104 -15.20 26.07 -21.83
N ARG A 105 -15.39 24.84 -22.29
CA ARG A 105 -14.36 23.81 -22.22
C ARG A 105 -12.99 24.16 -22.90
N PRO A 106 -13.00 24.59 -24.17
CA PRO A 106 -11.78 25.01 -24.85
C PRO A 106 -10.99 26.10 -24.10
N THR A 107 -11.73 27.10 -23.64
CA THR A 107 -11.17 28.24 -22.93
C THR A 107 -10.57 27.79 -21.64
N VAL A 108 -11.34 27.05 -20.85
CA VAL A 108 -10.82 26.48 -19.62
C VAL A 108 -9.55 25.64 -19.88
N GLU A 109 -9.60 24.76 -20.88
CA GLU A 109 -8.49 23.86 -21.20
C GLU A 109 -7.28 24.63 -21.70
N GLN A 110 -7.54 25.71 -22.44
CA GLN A 110 -6.50 26.65 -22.86
C GLN A 110 -5.81 27.25 -21.61
N GLY A 111 -6.61 27.61 -20.59
CA GLY A 111 -6.05 28.08 -19.33
C GLY A 111 -5.30 27.01 -18.57
N LEU A 112 -5.80 25.77 -18.60
CA LEU A 112 -5.10 24.65 -17.98
C LEU A 112 -3.74 24.41 -18.66
N GLY A 113 -3.68 24.56 -19.98
CA GLY A 113 -2.44 24.50 -20.73
C GLY A 113 -1.42 25.51 -20.21
N GLN A 114 -1.88 26.75 -20.05
CA GLN A 114 -0.98 27.83 -19.61
C GLN A 114 -0.57 27.71 -18.14
N LEU A 115 -1.41 27.07 -17.32
CA LEU A 115 -1.03 26.73 -15.95
C LEU A 115 0.08 25.67 -15.94
N SER A 116 -0.06 24.67 -16.81
CA SER A 116 1.00 23.71 -17.07
C SER A 116 2.34 24.42 -17.43
N ASN A 117 2.31 25.34 -18.39
CA ASN A 117 3.47 26.19 -18.67
C ASN A 117 4.01 26.91 -17.42
N LEU A 118 3.10 27.54 -16.67
CA LEU A 118 3.50 28.30 -15.50
C LEU A 118 4.22 27.38 -14.52
N LEU A 119 3.70 26.18 -14.32
CA LEU A 119 4.31 25.22 -13.39
C LEU A 119 5.78 24.89 -13.71
N ASN A 120 6.23 25.17 -14.95
CA ASN A 120 7.64 24.99 -15.36
C ASN A 120 8.58 26.10 -14.97
N SER A 121 8.05 27.17 -14.40
CA SER A 121 8.87 28.20 -13.80
C SER A 121 9.18 27.71 -12.40
N LYS A 122 10.46 27.47 -12.15
CA LYS A 122 10.90 27.08 -10.83
C LYS A 122 10.50 28.09 -9.77
N LEU A 123 10.59 29.37 -10.10
CA LEU A 123 10.22 30.43 -9.18
C LEU A 123 8.73 30.39 -8.83
N PHE A 124 7.88 30.30 -9.85
CA PHE A 124 6.46 30.23 -9.59
C PHE A 124 6.15 29.04 -8.70
N LEU A 125 6.66 27.87 -9.09
CA LEU A 125 6.31 26.60 -8.40
C LEU A 125 6.76 26.53 -6.95
N THR A 126 7.96 27.00 -6.66
CA THR A 126 8.44 27.08 -5.27
C THR A 126 7.65 28.12 -4.43
N LYS A 127 7.33 29.27 -5.02
CA LYS A 127 6.46 30.29 -4.38
C LYS A 127 5.04 29.76 -4.15
N PHE A 128 4.50 29.05 -5.14
CA PHE A 128 3.18 28.44 -5.04
C PHE A 128 3.12 27.43 -3.85
N ILE A 129 4.08 26.49 -3.82
CA ILE A 129 4.16 25.49 -2.74
C ILE A 129 4.29 26.18 -1.37
N HIS A 130 5.25 27.11 -1.24
CA HIS A 130 5.48 27.84 0.01
C HIS A 130 4.25 28.60 0.51
N THR A 131 3.59 29.32 -0.41
CA THR A 131 2.43 30.14 -0.06
C THR A 131 1.27 29.30 0.45
N LEU A 132 1.00 28.21 -0.26
CA LEU A 132 -0.06 27.26 0.13
C LEU A 132 0.19 26.68 1.53
N GLU A 133 1.44 26.30 1.79
CA GLU A 133 1.83 25.68 3.06
C GLU A 133 1.88 26.68 4.23
N THR A 134 1.93 27.96 3.94
CA THR A 134 1.73 29.03 4.93
C THR A 134 0.26 29.15 5.37
N GLN A 135 -0.67 28.72 4.52
CA GLN A 135 -2.08 28.85 4.87
C GLN A 135 -2.49 27.77 5.89
N ARG A 136 -3.13 28.24 6.97
CA ARG A 136 -3.42 27.42 8.13
C ARG A 136 -4.63 26.53 7.92
N THR A 137 -5.40 26.85 6.89
CA THR A 137 -6.48 26.01 6.38
C THR A 137 -6.00 24.99 5.34
N PHE A 138 -4.69 25.01 5.03
CA PHE A 138 -4.07 24.06 4.10
C PHE A 138 -3.58 22.86 4.90
N SER A 139 -4.36 21.78 4.87
CA SER A 139 -4.14 20.66 5.76
C SER A 139 -3.08 19.67 5.24
N ALA A 140 -2.88 18.61 6.03
CA ALA A 140 -1.96 17.56 5.69
C ALA A 140 -2.50 16.74 4.51
N ARG A 141 -3.79 16.46 4.50
CA ARG A 141 -4.44 15.85 3.35
C ARG A 141 -4.27 16.74 2.08
N ASP A 142 -4.50 18.05 2.24
CA ASP A 142 -4.25 19.05 1.17
C ASP A 142 -2.83 18.97 0.63
N ARG A 143 -1.86 19.02 1.53
CA ARG A 143 -0.42 19.03 1.15
C ARG A 143 -0.03 17.80 0.37
N ALA A 144 -0.43 16.65 0.89
CA ALA A 144 -0.19 15.38 0.22
C ALA A 144 -0.92 15.25 -1.11
N TYR A 145 -2.12 15.81 -1.20
CA TYR A 145 -2.91 15.74 -2.43
C TYR A 145 -2.33 16.67 -3.48
N VAL A 146 -1.94 17.88 -3.07
CA VAL A 146 -1.32 18.84 -4.00
C VAL A 146 0.02 18.30 -4.51
N ALA A 147 0.79 17.66 -3.64
CA ALA A 147 2.05 16.98 -4.02
C ALA A 147 1.85 16.00 -5.17
N SER A 148 0.78 15.23 -5.07
CA SER A 148 0.44 14.19 -6.06
C SER A 148 -0.14 14.78 -7.34
N LEU A 149 -0.89 15.87 -7.21
CA LEU A 149 -1.36 16.60 -8.40
C LEU A 149 -0.18 17.16 -9.20
N LEU A 150 0.80 17.71 -8.47
CA LEU A 150 2.02 18.23 -9.07
C LEU A 150 2.84 17.10 -9.72
N THR A 151 2.95 15.96 -9.05
CA THR A 151 3.62 14.80 -9.61
C THR A 151 3.07 14.40 -10.96
N VAL A 152 1.75 14.20 -11.01
CA VAL A 152 1.03 13.86 -12.25
C VAL A 152 1.18 14.95 -13.30
N ALA A 153 1.03 16.20 -12.92
CA ALA A 153 1.20 17.34 -13.86
C ALA A 153 2.65 17.43 -14.45
N LEU A 154 3.63 17.07 -13.64
CA LEU A 154 5.06 17.20 -14.01
C LEU A 154 5.70 15.85 -14.39
N HIS A 155 4.90 14.82 -14.65
CA HIS A 155 5.44 13.47 -14.85
C HIS A 155 6.16 13.33 -16.20
N GLY A 156 5.80 14.17 -17.16
CA GLY A 156 6.50 14.27 -18.43
C GLY A 156 7.89 14.90 -18.33
N LYS A 157 8.19 15.53 -17.19
CA LYS A 157 9.41 16.32 -16.98
C LYS A 157 10.06 15.92 -15.64
N LEU A 158 10.47 14.66 -15.52
CA LEU A 158 10.90 14.15 -14.22
C LEU A 158 12.27 14.71 -13.77
N GLU A 159 13.08 15.16 -14.71
CA GLU A 159 14.34 15.81 -14.39
C GLU A 159 14.14 17.19 -13.72
N TYR A 160 13.13 17.92 -14.18
CA TYR A 160 12.70 19.15 -13.51
C TYR A 160 12.01 18.84 -12.14
N PHE A 161 11.11 17.87 -12.13
CA PHE A 161 10.50 17.43 -10.89
C PHE A 161 11.60 17.11 -9.87
N THR A 162 12.63 16.39 -10.31
CA THR A 162 13.72 16.00 -9.41
C THR A 162 14.51 17.21 -8.93
N ASP A 163 14.65 18.20 -9.80
CA ASP A 163 15.32 19.45 -9.42
C ASP A 163 14.50 20.20 -8.36
N ILE A 164 13.19 20.23 -8.55
CA ILE A 164 12.29 20.81 -7.55
C ILE A 164 12.45 20.10 -6.21
N LEU A 165 12.37 18.76 -6.23
CA LEU A 165 12.56 17.95 -5.00
C LEU A 165 13.90 18.24 -4.31
N ARG A 166 14.94 18.38 -5.12
CA ARG A 166 16.29 18.62 -4.60
C ARG A 166 16.42 19.98 -3.88
N THR A 167 15.76 20.99 -4.43
CA THR A 167 15.69 22.35 -3.82
C THR A 167 14.89 22.38 -2.50
N LEU A 168 13.71 21.75 -2.51
CA LEU A 168 12.90 21.62 -1.33
C LEU A 168 13.61 20.79 -0.25
N LEU A 169 14.30 19.73 -0.63
CA LEU A 169 15.08 18.96 0.35
C LEU A 169 16.17 19.83 1.02
N SER A 170 16.87 20.57 0.17
CA SER A 170 17.90 21.50 0.59
C SER A 170 17.41 22.53 1.63
N ASP A 171 16.20 23.07 1.42
CA ASP A 171 15.58 24.01 2.37
C ASP A 171 15.15 23.29 3.63
N LEU A 172 14.62 22.08 3.46
CA LEU A 172 14.17 21.24 4.59
C LEU A 172 15.34 20.93 5.54
N VAL A 173 16.51 20.64 4.97
CA VAL A 173 17.68 20.34 5.76
C VAL A 173 18.21 21.54 6.52
N ALA A 174 18.20 22.72 5.89
CA ALA A 174 18.60 23.96 6.56
C ALA A 174 17.64 24.32 7.67
N GLN A 175 16.36 24.07 7.45
CA GLN A 175 15.34 24.27 8.47
C GLN A 175 15.53 23.32 9.65
N TYR A 176 15.75 22.03 9.36
CA TYR A 176 15.83 21.00 10.42
C TYR A 176 17.15 20.99 11.20
N VAL A 177 18.21 21.46 10.56
CA VAL A 177 19.50 21.63 11.23
C VAL A 177 19.45 22.66 12.37
N ALA A 178 18.55 23.63 12.24
CA ALA A 178 18.31 24.65 13.26
C ALA A 178 17.22 24.22 14.26
N LYS A 179 16.61 23.06 14.05
CA LYS A 179 15.70 22.45 15.04
C LYS A 179 16.34 21.14 15.54
N ASN A 180 15.65 20.01 15.44
CA ASN A 180 16.27 18.71 15.66
C ASN A 180 16.31 17.90 14.34
N PRO A 181 17.48 17.88 13.65
CA PRO A 181 17.54 17.21 12.34
C PRO A 181 17.14 15.72 12.35
N LYS A 182 17.16 15.06 13.49
CA LYS A 182 16.66 13.69 13.63
C LYS A 182 15.16 13.52 13.45
N LEU A 183 14.41 14.61 13.35
CA LEU A 183 12.96 14.54 13.22
C LEU A 183 12.51 14.77 11.81
N MET A 184 13.47 14.91 10.91
CA MET A 184 13.22 15.30 9.55
C MET A 184 12.69 14.10 8.76
N LEU A 185 11.76 14.39 7.85
CA LEU A 185 11.05 13.37 7.06
C LEU A 185 10.38 12.25 7.87
N ARG A 186 9.94 12.54 9.09
CA ARG A 186 9.26 11.51 9.91
C ARG A 186 7.83 11.15 9.44
N ARG A 187 7.19 12.01 8.64
CA ARG A 187 5.77 11.85 8.36
C ARG A 187 5.51 12.00 6.89
N THR A 188 4.25 11.98 6.51
CA THR A 188 3.87 12.35 5.15
C THR A 188 2.77 13.38 5.24
N GLU A 189 3.13 14.53 5.79
CA GLU A 189 2.17 15.59 6.00
C GLU A 189 2.42 16.82 5.18
N THR A 190 3.67 17.03 4.78
CA THR A 190 4.07 18.17 4.00
C THR A 190 4.21 17.78 2.54
N VAL A 191 4.23 18.79 1.68
CA VAL A 191 4.37 18.62 0.24
C VAL A 191 5.70 17.90 -0.07
N VAL A 192 6.81 18.37 0.49
CA VAL A 192 8.11 17.77 0.22
C VAL A 192 8.16 16.29 0.65
N GLU A 193 7.57 15.95 1.80
CA GLU A 193 7.53 14.56 2.23
C GLU A 193 6.79 13.70 1.23
N LYS A 194 5.66 14.20 0.75
CA LYS A 194 4.88 13.47 -0.26
C LYS A 194 5.51 13.46 -1.66
N LEU A 195 6.17 14.54 -2.08
CA LEU A 195 6.94 14.52 -3.34
C LEU A 195 8.01 13.40 -3.33
N LEU A 196 8.70 13.24 -2.20
CA LEU A 196 9.69 12.18 -2.01
C LEU A 196 9.13 10.75 -2.09
N THR A 197 8.03 10.50 -1.39
CA THR A 197 7.31 9.22 -1.50
C THR A 197 7.00 8.88 -2.94
N ASN A 198 6.48 9.88 -3.66
CA ASN A 198 6.06 9.72 -5.05
C ASN A 198 7.28 9.48 -5.96
N TRP A 199 8.36 10.21 -5.69
CA TRP A 199 9.60 10.08 -6.41
C TRP A 199 10.24 8.71 -6.26
N MET A 200 10.37 8.23 -5.03
CA MET A 200 10.81 6.87 -4.76
C MET A 200 9.95 5.83 -5.47
N SER A 201 8.63 6.02 -5.38
CA SER A 201 7.66 5.08 -6.00
C SER A 201 7.81 5.01 -7.53
N ILE A 202 7.97 6.16 -8.16
CA ILE A 202 8.21 6.24 -9.59
C ILE A 202 9.46 5.51 -9.98
N CYS A 203 10.55 5.85 -9.30
CA CYS A 203 11.90 5.36 -9.66
C CYS A 203 12.08 3.87 -9.38
N LEU A 204 11.35 3.35 -8.39
CA LEU A 204 11.52 1.98 -7.95
C LEU A 204 10.47 1.04 -8.52
N TYR A 205 9.59 1.53 -9.39
CA TYR A 205 8.56 0.69 -9.95
C TYR A 205 9.13 -0.58 -10.60
N THR A 206 10.15 -0.45 -11.43
CA THR A 206 10.64 -1.60 -12.19
C THR A 206 11.50 -2.53 -11.33
N PHE A 207 12.12 -1.96 -10.30
CA PHE A 207 12.83 -2.73 -9.32
C PHE A 207 11.90 -3.69 -8.57
N VAL A 208 10.73 -3.21 -8.20
CA VAL A 208 9.67 -4.04 -7.62
C VAL A 208 9.20 -5.07 -8.65
N ARG A 209 8.95 -4.60 -9.85
CA ARG A 209 8.61 -5.44 -10.98
C ARG A 209 9.63 -6.55 -11.17
N ASP A 210 10.92 -6.20 -11.04
CA ASP A 210 12.03 -7.09 -11.39
C ASP A 210 12.48 -8.00 -10.29
N SER A 211 12.52 -7.48 -9.07
CA SER A 211 13.12 -8.21 -7.94
C SER A 211 12.25 -8.35 -6.69
N VAL A 212 11.62 -7.29 -6.22
CA VAL A 212 10.86 -7.37 -4.95
C VAL A 212 9.46 -8.05 -5.12
N GLY A 213 8.90 -7.99 -6.32
CA GLY A 213 7.54 -8.43 -6.58
C GLY A 213 7.34 -9.90 -6.37
N GLU A 214 8.34 -10.68 -6.73
CA GLU A 214 8.32 -12.13 -6.55
C GLU A 214 8.15 -12.51 -5.07
N PRO A 215 9.14 -12.18 -4.20
CA PRO A 215 9.02 -12.48 -2.77
C PRO A 215 7.85 -11.77 -2.03
N LEU A 216 7.53 -10.55 -2.42
CA LEU A 216 6.42 -9.84 -1.83
C LEU A 216 5.09 -10.56 -2.11
N TYR A 217 4.92 -11.08 -3.33
CA TYR A 217 3.74 -11.85 -3.71
C TYR A 217 3.69 -13.26 -3.10
N MET A 218 4.84 -13.90 -3.03
CA MET A 218 4.94 -15.15 -2.32
C MET A 218 4.41 -15.01 -0.90
N LEU A 219 4.86 -13.96 -0.21
CA LEU A 219 4.40 -13.66 1.13
C LEU A 219 2.89 -13.46 1.16
N PHE A 220 2.37 -12.65 0.26
CA PHE A 220 0.93 -12.38 0.19
C PHE A 220 0.18 -13.70 0.08
N ARG A 221 0.59 -14.52 -0.89
CA ARG A 221 -0.04 -15.81 -1.14
C ARG A 221 0.15 -16.82 -0.02
N GLY A 222 1.27 -16.75 0.69
CA GLY A 222 1.51 -17.60 1.84
C GLY A 222 0.60 -17.26 3.02
N ILE A 223 0.50 -15.97 3.32
CA ILE A 223 -0.44 -15.47 4.33
C ILE A 223 -1.88 -15.85 3.96
N LYS A 224 -2.22 -15.67 2.69
CA LYS A 224 -3.56 -15.96 2.22
C LYS A 224 -3.94 -17.43 2.42
N HIS A 225 -3.05 -18.33 2.02
CA HIS A 225 -3.28 -19.79 2.09
C HIS A 225 -3.33 -20.33 3.53
N GLN A 226 -2.49 -19.78 4.42
CA GLN A 226 -2.54 -20.17 5.82
C GLN A 226 -3.85 -19.75 6.49
N VAL A 227 -4.28 -18.51 6.23
CA VAL A 227 -5.50 -17.96 6.84
C VAL A 227 -6.74 -18.75 6.38
N ASP A 228 -6.86 -18.91 5.05
CA ASP A 228 -7.91 -19.70 4.38
C ASP A 228 -8.05 -21.16 4.87
N LYS A 229 -7.00 -21.68 5.49
CA LYS A 229 -6.99 -23.03 6.07
C LYS A 229 -7.74 -23.13 7.41
N GLY A 230 -7.96 -21.98 8.06
CA GLY A 230 -8.65 -21.92 9.35
C GLY A 230 -9.90 -21.01 9.34
N PRO A 231 -10.67 -21.03 10.43
CA PRO A 231 -11.80 -20.12 10.65
C PRO A 231 -11.43 -18.64 10.61
N VAL A 232 -12.25 -17.87 9.88
CA VAL A 232 -12.23 -16.40 9.86
C VAL A 232 -13.66 -15.94 10.18
N ASP A 233 -13.80 -15.14 11.23
CA ASP A 233 -15.11 -14.65 11.63
C ASP A 233 -15.44 -13.43 10.77
N SER A 234 -16.49 -13.52 9.96
CA SER A 234 -16.78 -12.45 9.01
C SER A 234 -17.32 -11.20 9.70
N VAL A 235 -17.90 -11.37 10.88
CA VAL A 235 -18.43 -10.24 11.64
C VAL A 235 -17.28 -9.57 12.43
N THR A 236 -16.65 -10.30 13.35
CA THR A 236 -15.56 -9.72 14.16
C THR A 236 -14.22 -9.58 13.43
N GLY A 237 -14.04 -10.28 12.29
CA GLY A 237 -12.77 -10.30 11.56
C GLY A 237 -11.65 -11.18 12.16
N LYS A 238 -11.95 -11.86 13.26
CA LYS A 238 -10.97 -12.67 13.99
C LYS A 238 -10.67 -13.97 13.27
N ALA A 239 -9.43 -14.45 13.49
CA ALA A 239 -8.88 -15.56 12.73
C ALA A 239 -8.17 -16.59 13.62
N LYS A 240 -8.23 -17.85 13.21
CA LYS A 240 -7.46 -18.90 13.88
C LYS A 240 -5.96 -18.58 13.73
N TYR A 241 -5.57 -18.31 12.47
CA TYR A 241 -4.19 -18.10 12.09
C TYR A 241 -3.95 -16.62 11.87
N THR A 242 -3.11 -16.04 12.72
CA THR A 242 -2.81 -14.61 12.68
C THR A 242 -1.50 -14.27 13.44
N LEU A 243 -1.05 -13.03 13.32
CA LEU A 243 0.15 -12.54 13.99
C LEU A 243 -0.19 -11.51 15.06
N ASN A 244 -1.41 -11.00 15.04
CA ASN A 244 -1.89 -10.10 16.05
C ASN A 244 -2.80 -10.86 16.99
N ASP A 245 -2.47 -10.80 18.27
CA ASP A 245 -3.24 -11.45 19.34
C ASP A 245 -4.66 -10.90 19.47
N ASN A 246 -4.86 -9.63 19.12
CA ASN A 246 -6.21 -9.00 19.06
C ASN A 246 -7.13 -9.66 18.05
N ARG A 247 -6.58 -10.00 16.89
CA ARG A 247 -7.28 -10.71 15.84
C ARG A 247 -7.41 -12.20 16.13
N LEU A 248 -6.73 -12.69 17.16
CA LEU A 248 -6.65 -14.11 17.40
C LEU A 248 -7.99 -14.59 17.94
N LEU A 249 -8.55 -15.57 17.24
CA LEU A 249 -9.78 -16.21 17.63
C LEU A 249 -9.41 -17.13 18.82
N ARG A 250 -9.44 -16.56 20.02
CA ARG A 250 -8.97 -17.20 21.27
C ARG A 250 -9.80 -18.44 21.58
N GLU A 251 -11.11 -18.26 21.60
CA GLU A 251 -12.03 -19.39 21.69
C GLU A 251 -11.61 -20.36 20.57
N ASP A 252 -11.11 -21.52 20.97
CA ASP A 252 -10.77 -22.57 20.00
C ASP A 252 -12.08 -23.15 19.45
N VAL A 253 -12.64 -22.47 18.45
CA VAL A 253 -13.83 -22.95 17.72
C VAL A 253 -13.46 -24.23 16.99
N GLU A 254 -14.43 -24.87 16.34
CA GLU A 254 -14.16 -26.14 15.69
C GLU A 254 -14.91 -26.29 14.37
N TYR A 255 -14.26 -26.93 13.41
CA TYR A 255 -14.69 -26.91 12.00
C TYR A 255 -14.23 -28.14 11.22
N ARG A 256 -14.70 -28.23 9.98
CA ARG A 256 -14.43 -29.35 9.09
C ARG A 256 -13.93 -28.77 7.77
N PRO A 257 -12.72 -29.17 7.33
CA PRO A 257 -12.37 -28.83 5.95
C PRO A 257 -13.34 -29.47 4.95
N LEU A 258 -13.59 -28.79 3.85
CA LEU A 258 -14.47 -29.28 2.78
C LEU A 258 -13.87 -28.89 1.43
N THR A 259 -14.11 -29.72 0.43
CA THR A 259 -13.70 -29.40 -0.94
C THR A 259 -14.88 -29.56 -1.85
N LEU A 260 -15.26 -28.48 -2.52
CA LEU A 260 -16.45 -28.42 -3.35
C LEU A 260 -16.10 -28.63 -4.81
N ASN A 261 -17.09 -29.06 -5.59
CA ASN A 261 -16.99 -29.09 -7.04
C ASN A 261 -17.65 -27.83 -7.58
N ALA A 262 -16.83 -26.86 -7.99
CA ALA A 262 -17.31 -25.50 -8.33
C ALA A 262 -17.57 -25.30 -9.84
N LEU A 263 -18.77 -24.82 -10.15
CA LEU A 263 -19.19 -24.49 -11.51
C LEU A 263 -19.44 -22.98 -11.65
N LEU A 264 -19.52 -22.49 -12.89
CA LEU A 264 -19.72 -21.08 -13.17
C LEU A 264 -20.90 -20.88 -14.15
N ALA A 265 -22.10 -21.23 -13.70
CA ALA A 265 -23.31 -21.14 -14.53
C ALA A 265 -23.77 -19.71 -14.69
N ALA A 273 -21.05 -26.08 -19.32
CA ALA A 273 -19.97 -25.71 -18.40
C ALA A 273 -19.38 -26.96 -17.72
N GLN A 274 -18.16 -26.80 -17.18
CA GLN A 274 -17.43 -27.90 -16.48
C GLN A 274 -16.95 -27.43 -15.11
N GLY A 275 -16.70 -28.38 -14.19
CA GLY A 275 -16.51 -28.07 -12.76
C GLY A 275 -15.11 -28.07 -12.11
N VAL A 276 -14.60 -26.88 -11.76
CA VAL A 276 -13.33 -26.72 -11.01
C VAL A 276 -13.52 -26.95 -9.48
N PRO A 277 -12.50 -27.49 -8.78
CA PRO A 277 -12.64 -27.79 -7.35
C PRO A 277 -12.18 -26.66 -6.42
N VAL A 278 -12.82 -26.52 -5.26
CA VAL A 278 -12.47 -25.46 -4.29
C VAL A 278 -12.30 -25.97 -2.85
N LYS A 279 -11.13 -25.71 -2.27
CA LYS A 279 -10.87 -25.95 -0.84
C LYS A 279 -11.52 -24.86 0.05
N VAL A 280 -12.72 -25.16 0.55
CA VAL A 280 -13.41 -24.26 1.48
C VAL A 280 -13.42 -24.89 2.89
N LEU A 281 -14.07 -24.24 3.84
CA LEU A 281 -14.33 -24.81 5.17
C LEU A 281 -15.83 -24.72 5.46
N ASP A 282 -16.32 -25.63 6.31
CA ASP A 282 -17.77 -25.70 6.63
C ASP A 282 -18.28 -24.54 7.51
N CYS A 283 -17.36 -23.88 8.21
CA CYS A 283 -17.70 -22.72 9.04
C CYS A 283 -17.69 -21.40 8.24
N ASP A 284 -17.35 -21.46 6.96
CA ASP A 284 -17.38 -20.29 6.11
C ASP A 284 -18.81 -19.87 5.80
N THR A 285 -19.02 -18.56 5.85
CA THR A 285 -20.30 -17.98 5.49
C THR A 285 -20.47 -18.22 4.00
N ILE A 286 -21.68 -18.06 3.48
CA ILE A 286 -21.85 -18.22 2.04
C ILE A 286 -21.04 -17.16 1.27
N SER A 287 -20.96 -15.93 1.80
CA SER A 287 -20.09 -14.89 1.22
C SER A 287 -18.63 -15.32 1.21
N GLN A 288 -18.12 -15.81 2.34
CA GLN A 288 -16.69 -16.21 2.41
C GLN A 288 -16.42 -17.36 1.43
N ALA A 289 -17.38 -18.28 1.30
CA ALA A 289 -17.25 -19.41 0.39
C ALA A 289 -17.29 -18.94 -1.06
N LYS A 290 -18.19 -18.01 -1.37
CA LYS A 290 -18.27 -17.43 -2.73
C LYS A 290 -16.96 -16.78 -3.19
N GLU A 291 -16.25 -16.09 -2.27
CA GLU A 291 -14.93 -15.50 -2.56
C GLU A 291 -13.93 -16.58 -2.91
N LYS A 292 -13.80 -17.56 -2.01
CA LYS A 292 -12.91 -18.70 -2.21
C LYS A 292 -13.21 -19.38 -3.55
N MET A 293 -14.50 -19.44 -3.91
CA MET A 293 -14.92 -20.04 -5.20
C MET A 293 -14.53 -19.19 -6.40
N LEU A 294 -14.76 -17.89 -6.32
CA LEU A 294 -14.38 -16.95 -7.39
C LEU A 294 -12.89 -16.92 -7.68
N ASP A 295 -12.07 -17.07 -6.63
CA ASP A 295 -10.61 -17.11 -6.77
C ASP A 295 -10.14 -18.24 -7.69
N GLN A 296 -10.67 -19.44 -7.47
CA GLN A 296 -10.34 -20.61 -8.30
C GLN A 296 -11.08 -20.59 -9.64
N LEU A 297 -12.32 -20.11 -9.64
CA LEU A 297 -13.09 -20.05 -10.89
C LEU A 297 -12.40 -19.08 -11.84
N TYR A 298 -11.90 -17.97 -11.30
CA TYR A 298 -11.13 -16.97 -12.06
C TYR A 298 -9.64 -16.98 -11.62
N LYS A 299 -8.96 -18.11 -11.79
CA LYS A 299 -7.61 -18.30 -11.21
C LYS A 299 -6.53 -17.43 -11.84
N GLY A 300 -6.70 -17.08 -13.12
CA GLY A 300 -5.71 -16.23 -13.82
C GLY A 300 -6.26 -14.91 -14.34
N VAL A 301 -7.35 -14.44 -13.75
CA VAL A 301 -8.08 -13.27 -14.24
C VAL A 301 -7.91 -12.11 -13.27
N PRO A 302 -7.73 -10.87 -13.79
CA PRO A 302 -7.50 -9.70 -12.92
C PRO A 302 -8.78 -9.10 -12.30
N LEU A 303 -8.79 -8.93 -10.98
CA LEU A 303 -9.98 -8.48 -10.22
C LEU A 303 -10.85 -7.45 -10.94
N THR A 304 -10.21 -6.53 -11.64
CA THR A 304 -10.91 -5.51 -12.43
C THR A 304 -11.71 -6.16 -13.57
N GLN A 305 -11.19 -7.27 -14.09
CA GLN A 305 -11.85 -8.10 -15.11
C GLN A 305 -12.57 -9.30 -14.47
N ARG A 306 -13.26 -9.03 -13.35
CA ARG A 306 -14.16 -9.98 -12.73
C ARG A 306 -15.52 -9.34 -12.50
N PRO A 307 -16.57 -10.16 -12.31
CA PRO A 307 -17.83 -9.56 -11.97
C PRO A 307 -17.87 -9.22 -10.47
N ASP A 308 -18.70 -8.24 -10.13
CA ASP A 308 -18.99 -7.93 -8.75
C ASP A 308 -19.63 -9.17 -8.07
N PRO A 309 -19.01 -9.68 -6.98
CA PRO A 309 -19.59 -10.76 -6.16
C PRO A 309 -21.08 -10.65 -5.92
N ARG A 310 -21.57 -9.42 -5.74
CA ARG A 310 -22.98 -9.17 -5.50
C ARG A 310 -23.87 -9.47 -6.70
N THR A 311 -23.28 -9.56 -7.89
CA THR A 311 -24.06 -9.88 -9.10
C THR A 311 -24.33 -11.40 -9.25
N LEU A 312 -23.61 -12.22 -8.46
CA LEU A 312 -23.72 -13.67 -8.50
C LEU A 312 -24.35 -14.25 -7.22
N ASP A 313 -25.34 -15.12 -7.38
CA ASP A 313 -25.86 -15.99 -6.30
C ASP A 313 -25.06 -17.30 -6.25
N VAL A 314 -25.09 -17.97 -5.10
CA VAL A 314 -24.50 -19.31 -4.93
C VAL A 314 -25.61 -20.37 -4.99
N GLU A 315 -25.46 -21.34 -5.90
CA GLU A 315 -26.46 -22.40 -6.07
C GLU A 315 -25.91 -23.81 -5.79
N TRP A 316 -26.45 -24.45 -4.74
CA TRP A 316 -26.09 -25.82 -4.39
C TRP A 316 -26.97 -26.75 -5.21
N ARG A 317 -26.35 -27.61 -6.01
CA ARG A 317 -27.10 -28.52 -6.89
C ARG A 317 -26.79 -29.98 -6.56
N SER A 318 -27.60 -30.58 -5.68
CA SER A 318 -27.59 -32.02 -5.54
C SER A 318 -28.33 -32.61 -6.75
N GLY A 319 -28.19 -33.90 -6.97
CA GLY A 319 -28.79 -34.55 -8.13
C GLY A 319 -30.31 -34.64 -8.08
N VAL A 320 -30.82 -35.47 -7.18
CA VAL A 320 -32.26 -35.72 -7.05
C VAL A 320 -33.02 -34.46 -6.62
N ALA A 321 -32.66 -33.91 -5.46
CA ALA A 321 -33.35 -32.74 -4.91
C ALA A 321 -33.14 -31.49 -5.77
N GLY A 322 -33.83 -30.42 -5.40
CA GLY A 322 -33.79 -29.17 -6.16
C GLY A 322 -32.45 -28.45 -6.13
N HIS A 323 -32.31 -27.46 -7.00
CA HIS A 323 -31.21 -26.52 -6.91
C HIS A 323 -31.54 -25.57 -5.76
N LEU A 324 -30.58 -25.34 -4.87
CA LEU A 324 -30.81 -24.50 -3.69
C LEU A 324 -29.88 -23.29 -3.67
N ILE A 325 -30.48 -22.11 -3.78
CA ILE A 325 -29.74 -20.85 -3.62
C ILE A 325 -29.34 -20.72 -2.16
N LEU A 326 -28.06 -20.49 -1.91
CA LEU A 326 -27.54 -20.34 -0.56
C LEU A 326 -27.19 -18.87 -0.30
N SER A 327 -27.48 -18.39 0.90
CA SER A 327 -27.11 -17.04 1.28
C SER A 327 -26.95 -16.84 2.79
N ASP A 328 -26.21 -15.77 3.13
CA ASP A 328 -25.82 -15.42 4.51
C ASP A 328 -26.97 -15.18 5.41
N GLU A 329 -28.06 -14.67 4.83
CA GLU A 329 -29.33 -14.51 5.53
C GLU A 329 -30.48 -14.97 4.66
N ASP A 330 -31.30 -15.87 5.18
CA ASP A 330 -32.57 -16.21 4.55
C ASP A 330 -33.51 -16.78 5.58
N VAL A 331 -34.62 -17.37 5.15
CA VAL A 331 -35.64 -17.81 6.09
C VAL A 331 -35.13 -18.93 7.02
N THR A 332 -34.01 -19.56 6.65
CA THR A 332 -33.48 -20.66 7.45
C THR A 332 -32.50 -20.16 8.53
N SER A 333 -32.08 -18.90 8.45
CA SER A 333 -31.04 -18.39 9.35
C SER A 333 -31.43 -18.43 10.82
N GLU A 334 -30.53 -18.93 11.68
CA GLU A 334 -30.80 -19.04 13.11
C GLU A 334 -30.85 -17.64 13.72
N VAL A 335 -31.87 -17.41 14.55
CA VAL A 335 -32.03 -16.15 15.26
C VAL A 335 -32.51 -16.48 16.67
N GLN A 336 -31.84 -15.91 17.67
CA GLN A 336 -32.26 -15.95 19.06
C GLN A 336 -32.19 -14.52 19.57
N GLY A 337 -33.18 -14.12 20.37
CA GLY A 337 -33.25 -12.75 20.86
C GLY A 337 -32.96 -11.73 19.78
N LEU A 338 -32.02 -10.84 20.07
CA LEU A 338 -31.62 -9.81 19.12
C LEU A 338 -30.34 -10.21 18.37
N TRP A 339 -30.01 -11.51 18.38
CA TRP A 339 -28.88 -12.05 17.61
C TRP A 339 -29.38 -12.84 16.40
N ARG A 340 -28.72 -12.67 15.26
CA ARG A 340 -28.97 -13.47 14.07
C ARG A 340 -27.65 -14.01 13.58
N ARG A 341 -27.55 -15.32 13.42
CA ARG A 341 -26.31 -15.94 12.91
C ARG A 341 -26.19 -15.88 11.38
N LEU A 342 -24.99 -15.59 10.89
CA LEU A 342 -24.73 -15.69 9.45
C LEU A 342 -24.74 -17.18 9.04
N ASN A 343 -25.31 -17.45 7.87
CA ASN A 343 -25.52 -18.82 7.40
C ASN A 343 -24.25 -19.34 6.77
N THR A 344 -23.74 -20.43 7.33
CA THR A 344 -22.50 -21.05 6.86
C THR A 344 -22.80 -22.23 5.95
N LEU A 345 -21.76 -22.85 5.42
CA LEU A 345 -21.92 -24.12 4.69
C LEU A 345 -22.36 -25.25 5.62
N GLN A 346 -21.87 -25.23 6.86
CA GLN A 346 -22.29 -26.23 7.86
C GLN A 346 -23.76 -26.11 8.16
N HIS A 347 -24.24 -24.87 8.25
CA HIS A 347 -25.65 -24.56 8.50
C HIS A 347 -26.58 -25.30 7.54
N TYR A 348 -26.28 -25.28 6.24
CA TYR A 348 -27.12 -25.98 5.24
C TYR A 348 -26.80 -27.48 5.10
N LYS A 349 -25.79 -27.96 5.85
CA LYS A 349 -25.26 -29.35 5.73
C LYS A 349 -24.78 -29.65 4.29
N VAL A 350 -24.09 -28.69 3.67
CA VAL A 350 -23.50 -28.92 2.36
C VAL A 350 -22.36 -29.95 2.51
N PRO A 351 -22.46 -31.09 1.79
CA PRO A 351 -21.50 -32.13 2.04
C PRO A 351 -20.20 -31.96 1.23
N ASP A 352 -19.13 -32.58 1.70
CA ASP A 352 -17.83 -32.58 1.02
C ASP A 352 -18.02 -33.09 -0.42
N GLY A 353 -17.39 -32.39 -1.37
CA GLY A 353 -17.49 -32.74 -2.78
C GLY A 353 -18.80 -32.36 -3.44
N ALA A 354 -19.54 -31.44 -2.81
CA ALA A 354 -20.86 -31.04 -3.36
C ALA A 354 -20.67 -30.12 -4.55
N THR A 355 -21.63 -30.15 -5.47
CA THR A 355 -21.67 -29.22 -6.61
C THR A 355 -22.37 -27.90 -6.24
N VAL A 356 -21.58 -26.83 -6.10
CA VAL A 356 -22.08 -25.49 -5.91
C VAL A 356 -21.73 -24.64 -7.13
N ALA A 357 -22.75 -24.08 -7.80
CA ALA A 357 -22.54 -23.22 -8.96
C ALA A 357 -22.60 -21.73 -8.55
N LEU A 358 -22.08 -20.87 -9.44
CA LEU A 358 -22.26 -19.42 -9.33
C LEU A 358 -23.13 -18.96 -10.47
N VAL A 359 -24.25 -18.33 -10.14
CA VAL A 359 -25.26 -17.93 -11.13
C VAL A 359 -25.67 -16.46 -10.86
N PRO A 360 -26.14 -15.75 -11.90
CA PRO A 360 -26.55 -14.36 -11.70
C PRO A 360 -27.87 -14.21 -10.95
N CYS A 361 -28.22 -12.97 -10.59
CA CYS A 361 -29.55 -12.67 -10.02
C CYS A 361 -30.09 -11.33 -10.53
N GLY A 388 -33.27 -4.36 12.34
CA GLY A 388 -33.96 -3.63 13.42
C GLY A 388 -33.39 -3.93 14.80
N GLY A 389 -32.14 -3.53 15.02
CA GLY A 389 -31.44 -3.80 16.28
C GLY A 389 -30.95 -5.24 16.46
N ILE A 390 -31.15 -6.07 15.44
CA ILE A 390 -30.77 -7.47 15.51
C ILE A 390 -29.35 -7.59 15.00
N ARG A 391 -28.45 -8.02 15.88
CA ARG A 391 -27.02 -8.01 15.57
C ARG A 391 -26.64 -9.30 14.88
N PRO A 392 -25.86 -9.21 13.80
CA PRO A 392 -25.29 -10.43 13.20
C PRO A 392 -24.11 -10.97 14.01
N TRP A 393 -24.02 -12.29 14.15
CA TRP A 393 -22.81 -12.98 14.60
C TRP A 393 -22.54 -14.18 13.68
N HIS A 394 -21.31 -14.69 13.72
CA HIS A 394 -20.91 -15.78 12.83
C HIS A 394 -20.38 -16.98 13.62
N LEU A 395 -19.17 -16.87 14.17
CA LEU A 395 -18.54 -17.97 14.92
C LEU A 395 -18.62 -17.74 16.44
N VAL A 396 -18.33 -16.52 16.88
CA VAL A 396 -18.35 -16.12 18.30
C VAL A 396 -18.77 -14.66 18.39
N LYS A 397 -19.71 -14.36 19.28
CA LYS A 397 -20.28 -13.01 19.37
C LYS A 397 -19.24 -11.98 19.85
N PRO A 398 -19.34 -10.72 19.37
CA PRO A 398 -18.43 -9.66 19.86
C PRO A 398 -18.60 -9.37 21.36
N SER A 399 -17.48 -9.10 22.06
CA SER A 399 -17.51 -8.86 23.52
C SER A 399 -17.46 -7.37 23.85
N ILE A 423 -0.08 -12.87 27.55
CA ILE A 423 -0.72 -13.75 26.58
C ILE A 423 -0.40 -15.21 26.95
N PRO A 424 -1.44 -16.05 27.12
CA PRO A 424 -1.21 -17.46 27.46
C PRO A 424 -0.25 -18.19 26.53
N GLU A 425 0.39 -19.25 27.01
CA GLU A 425 1.22 -20.09 26.16
C GLU A 425 0.41 -20.52 24.94
N ILE A 426 -0.80 -21.01 25.20
CA ILE A 426 -1.73 -21.40 24.13
C ILE A 426 -1.78 -20.37 23.00
N TYR A 427 -1.93 -19.09 23.32
CA TYR A 427 -2.10 -18.06 22.27
C TYR A 427 -0.77 -17.57 21.66
N LEU A 428 0.27 -17.42 22.48
CA LEU A 428 1.61 -17.11 21.95
C LEU A 428 2.13 -18.22 21.04
N THR A 429 1.84 -19.46 21.38
CA THR A 429 2.25 -20.59 20.55
C THR A 429 1.56 -20.53 19.20
N ARG A 430 0.29 -20.16 19.22
CA ARG A 430 -0.50 -20.01 18.01
C ARG A 430 0.16 -19.00 17.11
N LEU A 431 0.54 -17.87 17.70
CA LEU A 431 1.12 -16.73 16.96
C LEU A 431 2.54 -17.04 16.41
N LEU A 432 3.36 -17.68 17.22
CA LEU A 432 4.70 -18.10 16.82
C LEU A 432 4.67 -19.16 15.73
N SER A 433 3.74 -20.10 15.82
CA SER A 433 3.53 -21.06 14.73
C SER A 433 3.26 -20.31 13.39
N MET A 434 2.42 -19.29 13.44
CA MET A 434 2.18 -18.43 12.27
C MET A 434 3.48 -17.73 11.81
N LYS A 435 4.13 -17.03 12.74
CA LYS A 435 5.43 -16.42 12.50
C LYS A 435 6.41 -17.44 11.90
N GLY A 436 6.55 -18.60 12.55
CA GLY A 436 7.46 -19.65 12.08
C GLY A 436 7.17 -20.11 10.66
N THR A 437 5.90 -20.36 10.38
CA THR A 437 5.44 -20.79 9.06
C THR A 437 5.66 -19.73 7.95
N LEU A 438 5.68 -18.45 8.30
CA LEU A 438 5.83 -17.40 7.28
C LEU A 438 7.26 -16.84 7.16
N GLN A 439 8.15 -17.28 8.03
CA GLN A 439 9.51 -16.71 8.17
C GLN A 439 10.41 -16.76 6.92
N LYS A 440 10.36 -17.87 6.19
CA LYS A 440 11.09 -17.96 4.94
C LYS A 440 10.64 -16.84 4.00
N PHE A 441 9.32 -16.66 3.89
CA PHE A 441 8.76 -15.61 3.03
C PHE A 441 9.21 -14.21 3.48
N VAL A 442 9.30 -14.00 4.79
CA VAL A 442 9.66 -12.70 5.34
C VAL A 442 11.13 -12.43 5.09
N ASP A 443 11.99 -13.41 5.46
CA ASP A 443 13.43 -13.40 5.24
C ASP A 443 13.80 -13.16 3.79
N ASP A 444 13.12 -13.87 2.90
CA ASP A 444 13.37 -13.69 1.45
C ASP A 444 13.02 -12.29 0.97
N LEU A 445 11.98 -11.70 1.54
CA LEU A 445 11.55 -10.36 1.13
C LEU A 445 12.46 -9.26 1.68
N PHE A 446 12.80 -9.36 2.95
CA PHE A 446 13.70 -8.40 3.61
C PHE A 446 15.09 -8.48 2.97
N GLN A 447 15.61 -9.71 2.83
CA GLN A 447 16.86 -9.98 2.08
C GLN A 447 16.91 -9.19 0.76
N VAL A 448 15.88 -9.34 -0.09
CA VAL A 448 15.89 -8.68 -1.41
C VAL A 448 15.81 -7.13 -1.34
N ILE A 449 15.04 -6.61 -0.40
CA ILE A 449 14.90 -5.15 -0.28
C ILE A 449 16.22 -4.54 0.17
N LEU A 450 16.92 -5.21 1.08
CA LEU A 450 18.16 -4.70 1.65
C LEU A 450 19.45 -5.37 1.11
N SER A 451 19.34 -6.17 0.04
CA SER A 451 20.47 -6.92 -0.54
C SER A 451 21.62 -6.03 -1.03
N THR A 452 22.83 -6.56 -0.86
CA THR A 452 24.07 -5.89 -1.26
C THR A 452 24.75 -6.77 -2.33
N SER A 453 23.95 -7.66 -2.92
CA SER A 453 24.41 -8.66 -3.88
C SER A 453 23.94 -8.30 -5.30
N ARG A 454 23.22 -7.19 -5.41
CA ARG A 454 22.60 -6.71 -6.64
C ARG A 454 23.09 -5.32 -6.93
N PRO A 455 23.05 -4.90 -8.21
CA PRO A 455 23.26 -3.48 -8.38
C PRO A 455 22.19 -2.68 -7.64
N VAL A 456 22.65 -1.61 -7.00
CA VAL A 456 21.81 -0.64 -6.37
C VAL A 456 21.09 0.14 -7.50
N PRO A 457 19.75 0.32 -7.38
CA PRO A 457 19.04 1.24 -8.29
C PRO A 457 19.71 2.59 -8.24
N LEU A 458 19.90 3.25 -9.40
CA LEU A 458 20.68 4.50 -9.45
C LEU A 458 20.02 5.63 -8.68
N ALA A 459 18.69 5.60 -8.63
CA ALA A 459 17.93 6.63 -7.93
C ALA A 459 18.17 6.59 -6.41
N VAL A 460 18.31 5.37 -5.88
CA VAL A 460 18.61 5.17 -4.46
C VAL A 460 20.02 5.67 -4.09
N LYS A 461 21.02 5.27 -4.91
CA LYS A 461 22.38 5.84 -4.82
C LYS A 461 22.39 7.36 -4.98
N TYR A 462 21.74 7.85 -6.01
CA TYR A 462 21.64 9.28 -6.20
C TYR A 462 21.10 9.96 -4.93
N PHE A 463 19.95 9.51 -4.46
CA PHE A 463 19.31 10.17 -3.35
C PHE A 463 20.03 10.05 -2.01
N PHE A 464 20.64 8.90 -1.75
CA PHE A 464 21.39 8.69 -0.52
C PHE A 464 22.67 9.52 -0.51
N ASP A 465 23.36 9.59 -1.66
CA ASP A 465 24.48 10.54 -1.83
C ASP A 465 24.07 11.99 -1.63
N LEU A 466 22.91 12.35 -2.16
CA LEU A 466 22.36 13.68 -1.99
C LEU A 466 22.13 14.01 -0.50
N LEU A 467 21.61 13.03 0.25
CA LEU A 467 21.50 13.11 1.70
C LEU A 467 22.85 13.23 2.39
N ASP A 468 23.86 12.47 1.93
CA ASP A 468 25.24 12.54 2.50
C ASP A 468 25.88 13.92 2.27
N GLU A 469 25.69 14.48 1.06
CA GLU A 469 26.13 15.85 0.71
C GLU A 469 25.49 16.90 1.59
N GLN A 470 24.16 16.84 1.69
CA GLN A 470 23.41 17.75 2.55
C GLN A 470 23.96 17.72 3.98
N ALA A 471 24.17 16.50 4.50
CA ALA A 471 24.68 16.33 5.86
C ALA A 471 26.04 17.02 6.01
N GLN A 472 26.89 16.90 4.99
CA GLN A 472 28.23 17.42 5.07
C GLN A 472 28.24 18.95 5.02
N GLN A 473 27.39 19.52 4.19
CA GLN A 473 27.27 20.98 4.04
C GLN A 473 26.89 21.67 5.31
N HIS A 474 26.02 21.05 6.11
CA HIS A 474 25.60 21.62 7.38
C HIS A 474 26.34 21.00 8.57
N GLY A 475 27.52 20.46 8.31
CA GLY A 475 28.38 19.96 9.36
C GLY A 475 27.79 18.89 10.25
N ILE A 476 26.83 18.12 9.74
CA ILE A 476 26.30 16.97 10.48
C ILE A 476 27.27 15.80 10.29
N SER A 477 27.95 15.46 11.37
CA SER A 477 28.90 14.35 11.38
C SER A 477 28.24 13.13 12.00
N ASP A 478 27.05 13.34 12.57
CA ASP A 478 26.35 12.30 13.31
C ASP A 478 25.74 11.31 12.32
N GLN A 479 26.17 10.06 12.44
CA GLN A 479 25.76 9.01 11.52
C GLN A 479 24.36 8.51 11.86
N ASP A 480 23.98 8.59 13.13
CA ASP A 480 22.61 8.27 13.57
C ASP A 480 21.57 9.16 12.85
N THR A 481 21.87 10.45 12.72
CA THR A 481 20.98 11.43 12.06
C THR A 481 20.86 11.13 10.57
N ILE A 482 21.99 10.84 9.93
CA ILE A 482 22.05 10.46 8.52
C ILE A 482 21.36 9.10 8.28
N HIS A 483 21.61 8.13 9.17
CA HIS A 483 20.86 6.85 9.16
C HIS A 483 19.36 7.14 9.20
N ILE A 484 18.93 7.90 10.19
CA ILE A 484 17.52 8.31 10.32
C ILE A 484 16.97 8.94 9.02
N TRP A 485 17.70 9.89 8.43
CA TRP A 485 17.26 10.54 7.19
C TRP A 485 17.00 9.54 6.05
N LYS A 486 17.92 8.58 5.92
CA LYS A 486 17.81 7.53 4.91
C LYS A 486 16.60 6.60 5.14
N THR A 487 16.40 6.18 6.39
CA THR A 487 15.28 5.35 6.78
C THR A 487 13.98 6.02 6.44
N ASN A 488 13.94 7.33 6.67
CA ASN A 488 12.75 8.16 6.48
C ASN A 488 12.54 8.60 5.04
N SER A 489 13.56 8.41 4.20
CA SER A 489 13.48 8.66 2.79
C SER A 489 13.01 7.44 1.98
N LEU A 490 13.30 6.23 2.45
CA LEU A 490 13.10 5.01 1.63
C LEU A 490 12.39 3.83 2.34
N PRO A 491 13.05 3.15 3.28
CA PRO A 491 12.35 2.09 4.01
C PRO A 491 10.98 2.50 4.61
N LEU A 492 11.01 3.55 5.43
CA LEU A 492 9.83 3.92 6.20
C LEU A 492 8.99 4.94 5.47
N ARG A 493 9.17 4.99 4.16
CA ARG A 493 8.39 5.82 3.26
C ARG A 493 7.88 5.03 2.06
N PHE A 494 8.69 4.11 1.52
CA PHE A 494 8.32 3.35 0.33
C PHE A 494 8.13 1.87 0.64
N TRP A 495 9.12 1.23 1.24
CA TRP A 495 9.04 -0.22 1.45
C TRP A 495 7.97 -0.61 2.45
N ILE A 496 7.86 0.15 3.55
CA ILE A 496 6.84 -0.15 4.57
C ILE A 496 5.43 0.00 3.98
N ASN A 497 5.28 0.97 3.08
CA ASN A 497 4.03 1.24 2.33
C ASN A 497 3.55 0.07 1.52
N ILE A 498 4.50 -0.50 0.79
CA ILE A 498 4.32 -1.62 -0.13
C ILE A 498 4.05 -2.93 0.63
N ILE A 499 4.66 -3.07 1.81
CA ILE A 499 4.46 -4.23 2.66
C ILE A 499 3.06 -4.19 3.23
N LYS A 500 2.64 -3.04 3.73
CA LYS A 500 1.33 -2.89 4.35
C LYS A 500 0.19 -2.92 3.34
N ASN A 501 0.49 -2.51 2.10
CA ASN A 501 -0.48 -2.30 1.02
C ASN A 501 -0.10 -3.06 -0.24
N PRO A 502 -0.28 -4.39 -0.23
CA PRO A 502 0.05 -5.19 -1.40
C PRO A 502 -0.75 -4.78 -2.64
N GLN A 503 -1.93 -4.24 -2.43
CA GLN A 503 -2.76 -3.75 -3.52
C GLN A 503 -2.20 -2.46 -4.22
N PHE A 504 -1.06 -1.93 -3.77
CA PHE A 504 -0.38 -0.87 -4.52
C PHE A 504 0.44 -1.47 -5.64
N VAL A 505 0.69 -2.78 -5.56
CA VAL A 505 1.56 -3.45 -6.50
C VAL A 505 0.86 -4.57 -7.27
N PHE A 506 -0.11 -5.23 -6.63
CA PHE A 506 -0.76 -6.37 -7.25
C PHE A 506 -2.23 -6.13 -7.41
N ASP A 507 -2.77 -6.67 -8.47
CA ASP A 507 -4.20 -6.65 -8.66
C ASP A 507 -4.83 -7.76 -7.79
N VAL A 508 -4.86 -7.49 -6.49
CA VAL A 508 -5.37 -8.40 -5.49
C VAL A 508 -6.31 -7.62 -4.58
N GLN A 509 -7.13 -8.34 -3.84
CA GLN A 509 -7.82 -7.74 -2.71
C GLN A 509 -7.29 -8.33 -1.43
N THR A 510 -7.40 -7.53 -0.38
CA THR A 510 -6.80 -7.81 0.89
C THR A 510 -7.97 -8.10 1.85
N SER A 511 -7.67 -8.43 3.09
CA SER A 511 -8.69 -8.53 4.12
C SER A 511 -8.16 -7.86 5.38
N ASP A 512 -9.04 -7.63 6.35
CA ASP A 512 -8.64 -6.99 7.59
C ASP A 512 -7.57 -7.80 8.33
N ASN A 513 -7.63 -9.13 8.23
CA ASN A 513 -6.66 -9.97 8.89
C ASN A 513 -5.33 -10.10 8.15
N MET A 514 -5.37 -10.28 6.83
CA MET A 514 -4.20 -10.02 5.97
C MET A 514 -3.52 -8.68 6.32
N ASP A 515 -4.29 -7.61 6.36
CA ASP A 515 -3.76 -6.29 6.75
C ASP A 515 -3.08 -6.31 8.13
N ALA A 516 -3.71 -6.96 9.10
CA ALA A 516 -3.19 -7.01 10.47
C ALA A 516 -1.88 -7.83 10.55
N VAL A 517 -1.78 -8.88 9.73
CA VAL A 517 -0.60 -9.71 9.59
C VAL A 517 0.56 -8.95 8.95
N LEU A 518 0.30 -8.35 7.79
CA LEU A 518 1.27 -7.49 7.10
C LEU A 518 1.72 -6.28 7.90
N LEU A 519 0.84 -5.77 8.75
CA LEU A 519 1.21 -4.69 9.67
C LEU A 519 2.29 -5.11 10.66
N VAL A 520 2.16 -6.31 11.23
CA VAL A 520 3.16 -6.82 12.18
C VAL A 520 4.54 -6.96 11.49
N ILE A 521 4.54 -7.56 10.31
CA ILE A 521 5.76 -7.70 9.52
C ILE A 521 6.32 -6.31 9.14
N ALA A 522 5.45 -5.39 8.77
CA ALA A 522 5.86 -4.01 8.47
C ALA A 522 6.48 -3.31 9.70
N GLN A 523 5.86 -3.48 10.87
CA GLN A 523 6.40 -2.98 12.14
C GLN A 523 7.78 -3.56 12.47
N THR A 524 7.97 -4.85 12.15
CA THR A 524 9.22 -5.53 12.33
C THR A 524 10.29 -4.91 11.40
N PHE A 525 9.87 -4.56 10.19
CA PHE A 525 10.73 -3.89 9.22
C PHE A 525 11.14 -2.50 9.71
N MET A 526 10.16 -1.73 10.16
CA MET A 526 10.38 -0.45 10.81
C MET A 526 11.42 -0.58 11.91
N ASP A 527 11.21 -1.56 12.80
CA ASP A 527 12.15 -1.78 13.93
C ASP A 527 13.59 -2.14 13.49
N ALA A 528 13.73 -2.82 12.35
CA ALA A 528 15.03 -3.05 11.72
C ALA A 528 15.74 -1.75 11.29
N CYS A 529 14.98 -0.74 10.92
CA CYS A 529 15.58 0.55 10.44
C CYS A 529 15.73 1.61 11.53
N THR A 530 15.27 1.29 12.73
CA THR A 530 15.29 2.16 13.87
C THR A 530 16.50 1.81 14.74
N LEU A 531 16.98 2.80 15.50
CA LEU A 531 18.20 2.70 16.30
C LEU A 531 17.95 2.50 17.80
N ALA A 532 16.70 2.65 18.23
CA ALA A 532 16.32 2.44 19.63
C ALA A 532 16.27 0.94 19.98
N ASP A 533 17.13 0.50 20.89
CA ASP A 533 17.19 -0.90 21.30
C ASP A 533 16.25 -1.14 22.47
N SER A 540 5.01 -5.41 25.65
CA SER A 540 5.51 -4.68 24.49
C SER A 540 4.74 -5.12 23.22
N PRO A 541 4.76 -4.28 22.16
CA PRO A 541 4.03 -4.60 20.93
C PRO A 541 4.36 -6.01 20.39
N ILE A 542 3.36 -6.67 19.82
CA ILE A 542 3.45 -8.11 19.54
C ILE A 542 4.41 -8.46 18.41
N ASN A 543 4.72 -7.49 17.55
CA ASN A 543 5.77 -7.69 16.55
C ASN A 543 7.11 -7.91 17.28
N LYS A 544 7.36 -7.12 18.33
CA LYS A 544 8.61 -7.17 19.07
C LYS A 544 8.77 -8.48 19.86
N LEU A 545 7.66 -9.10 20.20
CA LEU A 545 7.65 -10.40 20.85
C LEU A 545 7.97 -11.49 19.85
N LEU A 546 7.24 -11.49 18.74
CA LEU A 546 7.36 -12.55 17.73
C LEU A 546 8.66 -12.47 16.94
N TYR A 547 9.23 -11.27 16.83
CA TYR A 547 10.47 -11.08 16.06
C TYR A 547 11.65 -10.61 16.93
N ALA A 548 11.64 -10.98 18.21
CA ALA A 548 12.72 -10.65 19.17
C ALA A 548 14.07 -11.07 18.64
N ARG A 549 14.16 -12.33 18.22
CA ARG A 549 15.37 -12.90 17.62
C ARG A 549 15.81 -12.15 16.37
N ASP A 550 14.86 -11.90 15.48
CA ASP A 550 15.17 -11.49 14.11
C ASP A 550 15.57 -10.02 14.00
N ILE A 551 14.91 -9.13 14.76
CA ILE A 551 15.11 -7.66 14.60
C ILE A 551 16.59 -7.19 14.69
N PRO A 552 17.34 -7.66 15.70
CA PRO A 552 18.77 -7.29 15.78
C PRO A 552 19.58 -7.69 14.54
N ARG A 553 19.14 -8.74 13.87
CA ARG A 553 19.81 -9.26 12.71
C ARG A 553 19.44 -8.47 11.46
N TYR A 554 18.15 -8.15 11.30
CA TYR A 554 17.70 -7.25 10.23
C TYR A 554 18.34 -5.84 10.32
N LYS A 555 18.61 -5.36 11.54
CA LYS A 555 19.32 -4.07 11.78
C LYS A 555 20.70 -4.04 11.16
N ARG A 556 21.40 -5.17 11.27
CA ARG A 556 22.73 -5.36 10.68
C ARG A 556 22.65 -5.34 9.17
N MET A 557 21.62 -5.97 8.64
CA MET A 557 21.31 -5.90 7.21
C MET A 557 21.09 -4.47 6.75
N VAL A 558 20.30 -3.69 7.51
CA VAL A 558 20.07 -2.26 7.19
C VAL A 558 21.36 -1.45 7.20
N GLU A 559 22.16 -1.63 8.24
CA GLU A 559 23.46 -0.98 8.40
C GLU A 559 24.43 -1.26 7.23
N ARG A 560 24.53 -2.53 6.81
CA ARG A 560 25.33 -2.94 5.61
C ARG A 560 24.80 -2.26 4.36
N TYR A 561 23.48 -2.25 4.23
CA TYR A 561 22.77 -1.67 3.10
C TYR A 561 23.10 -0.19 2.85
N TYR A 562 22.97 0.67 3.87
CA TYR A 562 23.38 2.08 3.74
C TYR A 562 24.86 2.22 3.43
N ALA A 563 25.67 1.35 4.02
CA ALA A 563 27.11 1.31 3.79
C ALA A 563 27.48 0.90 2.37
N ASP A 564 26.81 -0.12 1.83
CA ASP A 564 27.02 -0.56 0.42
C ASP A 564 26.66 0.55 -0.54
N ILE A 565 25.54 1.19 -0.29
CA ILE A 565 25.09 2.27 -1.14
C ILE A 565 26.13 3.41 -1.16
N ARG A 566 26.61 3.81 0.02
CA ARG A 566 27.58 4.90 0.12
C ARG A 566 28.87 4.59 -0.63
N GLN A 567 29.28 3.33 -0.53
CA GLN A 567 30.51 2.84 -1.14
C GLN A 567 30.43 2.58 -2.65
N THR A 568 29.24 2.31 -3.20
CA THR A 568 29.13 1.92 -4.62
C THR A 568 29.49 3.10 -5.53
N VAL A 569 29.75 2.80 -6.80
CA VAL A 569 30.04 3.85 -7.80
C VAL A 569 28.87 4.81 -7.87
N PRO A 570 29.13 6.12 -7.95
CA PRO A 570 28.01 7.05 -7.95
C PRO A 570 27.33 7.18 -9.32
N ALA A 571 26.18 7.83 -9.31
CA ALA A 571 25.37 8.01 -10.51
C ALA A 571 25.66 9.40 -11.09
N SER A 572 26.29 9.45 -12.26
CA SER A 572 26.53 10.75 -12.91
C SER A 572 25.19 11.41 -13.26
N ASP A 573 25.22 12.74 -13.32
CA ASP A 573 24.02 13.51 -13.69
C ASP A 573 23.42 13.04 -15.01
N GLN A 574 24.26 12.81 -16.02
CA GLN A 574 23.77 12.35 -17.32
C GLN A 574 23.07 11.00 -17.19
N GLU A 575 23.67 10.07 -16.44
CA GLU A 575 23.05 8.77 -16.17
C GLU A 575 21.71 8.95 -15.47
N MET A 576 21.67 9.85 -14.48
CA MET A 576 20.43 10.06 -13.71
C MET A 576 19.34 10.72 -14.58
N ASN A 577 19.74 11.69 -15.40
CA ASN A 577 18.78 12.40 -16.26
C ASN A 577 18.25 11.52 -17.38
N SER A 578 19.07 10.57 -17.86
CA SER A 578 18.61 9.56 -18.82
C SER A 578 17.59 8.62 -18.21
N VAL A 579 17.89 8.14 -17.01
CA VAL A 579 16.95 7.34 -16.24
C VAL A 579 15.65 8.14 -16.01
N LEU A 580 15.79 9.39 -15.57
CA LEU A 580 14.60 10.22 -15.30
C LEU A 580 13.78 10.46 -16.57
N ALA A 581 14.45 10.70 -17.70
CA ALA A 581 13.75 10.90 -18.98
C ALA A 581 13.00 9.64 -19.47
N GLU A 582 13.61 8.45 -19.37
CA GLU A 582 12.90 7.21 -19.72
C GLU A 582 11.67 6.96 -18.82
N LEU A 583 11.80 7.26 -17.52
CA LEU A 583 10.65 7.11 -16.61
C LEU A 583 9.42 7.95 -17.06
N SER A 584 9.67 9.13 -17.67
CA SER A 584 8.61 10.01 -18.24
C SER A 584 7.73 9.38 -19.34
N TRP A 585 8.22 8.39 -20.08
CA TRP A 585 7.41 7.79 -21.16
C TRP A 585 7.30 6.25 -21.19
N ASN A 586 7.96 5.55 -20.27
CA ASN A 586 8.05 4.09 -20.35
C ASN A 586 6.83 3.34 -19.72
N TYR A 587 5.63 3.78 -20.06
CA TYR A 587 4.37 3.19 -19.58
C TYR A 587 3.23 3.62 -20.51
N SER A 588 2.12 2.91 -20.46
CA SER A 588 0.94 3.33 -21.20
C SER A 588 -0.13 3.84 -20.23
N GLY A 589 -1.04 4.63 -20.76
CA GLY A 589 -2.08 5.23 -19.96
C GLY A 589 -1.81 6.68 -19.56
N ASP A 590 -2.87 7.29 -19.05
CA ASP A 590 -2.92 8.69 -18.65
C ASP A 590 -3.10 8.76 -17.16
N LEU A 591 -2.12 9.38 -16.49
CA LEU A 591 -2.18 9.55 -15.06
C LEU A 591 -3.25 10.57 -14.61
N GLY A 592 -3.81 11.33 -15.57
CA GLY A 592 -4.87 12.32 -15.32
C GLY A 592 -4.40 13.76 -15.17
N ALA A 593 -3.48 14.19 -16.06
CA ALA A 593 -2.83 15.52 -15.97
C ALA A 593 -3.79 16.68 -16.15
N ARG A 594 -4.68 16.52 -17.12
CA ARG A 594 -5.74 17.46 -17.44
C ARG A 594 -6.63 17.77 -16.23
N VAL A 595 -7.11 16.70 -15.58
CA VAL A 595 -7.86 16.84 -14.33
C VAL A 595 -6.99 17.32 -13.16
N ALA A 596 -5.73 16.87 -13.05
CA ALA A 596 -4.81 17.33 -11.99
C ALA A 596 -4.58 18.84 -12.08
N LEU A 597 -4.45 19.32 -13.31
CA LEU A 597 -4.27 20.73 -13.56
C LEU A 597 -5.49 21.50 -13.08
N HIS A 598 -6.68 21.00 -13.40
CA HIS A 598 -7.93 21.57 -12.91
C HIS A 598 -8.03 21.53 -11.39
N GLU A 599 -7.61 20.44 -10.80
CA GLU A 599 -7.60 20.32 -9.35
C GLU A 599 -6.61 21.28 -8.70
N LEU A 600 -5.47 21.52 -9.34
CA LEU A 600 -4.52 22.49 -8.81
C LEU A 600 -5.10 23.86 -8.94
N TYR A 601 -5.83 24.12 -10.01
CA TYR A 601 -6.50 25.42 -10.17
C TYR A 601 -7.46 25.73 -8.99
N LYS A 602 -8.25 24.75 -8.57
CA LYS A 602 -9.14 24.89 -7.40
C LYS A 602 -8.42 25.44 -6.16
N TYR A 603 -7.20 24.99 -5.96
CA TYR A 603 -6.37 25.52 -4.89
C TYR A 603 -5.80 26.90 -5.18
N ILE A 604 -5.57 27.22 -6.46
CA ILE A 604 -5.22 28.59 -6.85
C ILE A 604 -6.41 29.55 -6.61
N ASN A 605 -7.62 29.12 -6.98
CA ASN A 605 -8.86 29.88 -6.71
C ASN A 605 -9.07 30.12 -5.19
N LYS A 606 -9.02 29.05 -4.39
CA LYS A 606 -9.19 29.14 -2.92
C LYS A 606 -8.26 30.13 -2.23
N TYR A 607 -7.00 30.16 -2.66
CA TYR A 607 -5.99 31.05 -2.06
C TYR A 607 -5.47 32.05 -3.07
N TYR A 608 -6.34 32.49 -3.97
CA TYR A 608 -5.95 33.36 -5.05
C TYR A 608 -5.23 34.62 -4.58
N ASP A 609 -5.85 35.35 -3.67
CA ASP A 609 -5.28 36.63 -3.22
C ASP A 609 -3.93 36.45 -2.55
N GLN A 610 -3.81 35.36 -1.79
CA GLN A 610 -2.59 35.06 -1.04
C GLN A 610 -1.43 34.75 -1.97
N ILE A 611 -1.71 34.05 -3.07
CA ILE A 611 -0.66 33.67 -4.05
C ILE A 611 -0.25 34.85 -4.89
N ILE A 612 -1.21 35.68 -5.28
CA ILE A 612 -0.91 36.89 -6.03
C ILE A 612 -0.06 37.84 -5.16
N THR A 613 -0.59 38.19 -3.99
CA THR A 613 0.16 38.98 -2.98
C THR A 613 1.60 38.49 -2.86
N ALA A 614 1.77 37.17 -2.77
CA ALA A 614 3.07 36.53 -2.58
C ALA A 614 4.03 36.67 -3.78
N LEU A 615 3.50 36.56 -5.00
CA LEU A 615 4.30 36.78 -6.24
C LEU A 615 4.57 38.28 -6.48
N GLU A 616 3.61 39.14 -6.12
CA GLU A 616 3.74 40.59 -6.26
C GLU A 616 4.82 41.16 -5.32
N GLU A 617 4.91 40.64 -4.10
CA GLU A 617 5.96 41.06 -3.15
C GLU A 617 7.34 40.44 -3.43
N ASP A 618 7.56 39.96 -4.66
CA ASP A 618 8.82 39.31 -5.06
C ASP A 618 9.33 39.88 -6.38
N GLY A 619 10.65 40.14 -6.43
CA GLY A 619 11.27 40.90 -7.50
C GLY A 619 11.21 40.32 -8.89
N THR A 620 11.73 39.10 -9.03
CA THR A 620 11.81 38.42 -10.33
C THR A 620 10.44 37.91 -10.76
N ALA A 621 9.59 37.61 -9.78
CA ALA A 621 8.19 37.25 -10.02
C ALA A 621 7.45 38.37 -10.77
N GLN A 622 7.56 39.60 -10.25
CA GLN A 622 7.13 40.81 -10.96
C GLN A 622 7.86 40.98 -12.30
N LYS A 623 9.19 40.87 -12.28
CA LYS A 623 10.01 41.00 -13.49
C LYS A 623 9.63 39.98 -14.56
N MET A 624 9.36 38.73 -14.15
CA MET A 624 8.93 37.67 -15.09
C MET A 624 7.40 37.53 -15.15
N GLN A 625 6.67 38.56 -14.70
CA GLN A 625 5.22 38.70 -14.89
C GLN A 625 4.40 37.51 -14.38
N LEU A 626 4.89 36.86 -13.34
CA LEU A 626 4.26 35.66 -12.81
C LEU A 626 2.88 36.00 -12.29
N GLY A 627 2.78 37.10 -11.54
CA GLY A 627 1.50 37.57 -11.03
C GLY A 627 0.48 37.73 -12.15
N TYR A 628 0.89 38.44 -13.20
CA TYR A 628 0.04 38.70 -14.35
C TYR A 628 -0.39 37.42 -15.08
N ARG A 629 0.53 36.47 -15.22
CA ARG A 629 0.24 35.21 -15.90
C ARG A 629 -0.80 34.37 -15.18
N LEU A 630 -0.75 34.36 -13.85
CA LEU A 630 -1.73 33.63 -13.05
C LEU A 630 -3.12 34.29 -13.17
N GLN A 631 -3.11 35.63 -13.18
CA GLN A 631 -4.30 36.44 -13.47
C GLN A 631 -4.97 36.05 -14.78
N GLN A 632 -4.16 35.96 -15.84
CA GLN A 632 -4.62 35.55 -17.16
C GLN A 632 -5.17 34.12 -17.15
N ILE A 633 -4.49 33.20 -16.46
CA ILE A 633 -4.98 31.82 -16.36
C ILE A 633 -6.33 31.77 -15.65
N ALA A 634 -6.44 32.44 -14.49
CA ALA A 634 -7.71 32.56 -13.77
C ALA A 634 -8.82 33.23 -14.64
N ALA A 635 -8.46 34.27 -15.38
CA ALA A 635 -9.43 34.90 -16.30
C ALA A 635 -10.00 33.86 -17.29
N ALA A 636 -9.12 33.02 -17.83
CA ALA A 636 -9.49 31.99 -18.81
C ALA A 636 -10.32 30.87 -18.20
N VAL A 637 -9.92 30.44 -17.01
CA VAL A 637 -10.57 29.32 -16.35
C VAL A 637 -11.87 29.72 -15.58
N GLU A 638 -12.26 31.01 -15.61
CA GLU A 638 -13.52 31.49 -15.04
C GLU A 638 -13.75 32.99 -15.31
N UNK B 1 11.32 -14.27 28.93
CA UNK B 1 11.08 -13.68 27.57
C UNK B 1 11.82 -14.50 26.51
N UNK B 2 13.13 -14.63 26.69
CA UNK B 2 13.97 -15.42 25.78
C UNK B 2 13.64 -16.90 25.93
N UNK B 3 13.80 -17.42 27.14
CA UNK B 3 13.58 -18.84 27.42
C UNK B 3 12.10 -19.24 27.28
N UNK B 4 11.21 -18.27 27.38
CA UNK B 4 9.77 -18.52 27.28
C UNK B 4 9.36 -18.59 25.81
N UNK B 5 9.77 -17.60 25.02
CA UNK B 5 9.38 -17.53 23.61
C UNK B 5 10.12 -18.55 22.73
N UNK B 6 11.40 -18.82 23.03
CA UNK B 6 12.19 -19.81 22.26
C UNK B 6 11.78 -21.25 22.57
N UNK B 7 11.35 -21.52 23.81
CA UNK B 7 10.80 -22.85 24.16
C UNK B 7 9.53 -23.14 23.36
N UNK B 8 8.62 -22.17 23.31
CA UNK B 8 7.38 -22.27 22.52
C UNK B 8 7.67 -22.49 21.03
N UNK B 9 8.55 -21.65 20.47
CA UNK B 9 8.88 -21.71 19.03
C UNK B 9 9.55 -23.04 18.58
N UNK B 10 10.17 -23.76 19.51
CA UNK B 10 10.74 -25.08 19.22
C UNK B 10 9.64 -26.16 19.10
N UNK B 11 8.64 -26.09 19.99
CA UNK B 11 7.43 -26.93 19.88
C UNK B 11 6.71 -26.77 18.51
N UNK B 12 6.71 -25.55 17.98
CA UNK B 12 6.07 -25.25 16.69
C UNK B 12 6.97 -25.56 15.47
N UNK B 13 8.29 -25.59 15.68
CA UNK B 13 9.27 -25.68 14.57
C UNK B 13 9.10 -26.90 13.65
N UNK B 14 8.60 -28.01 14.19
CA UNK B 14 8.28 -29.19 13.39
C UNK B 14 7.00 -28.94 12.59
N UNK B 15 5.91 -28.64 13.29
CA UNK B 15 4.62 -28.34 12.65
C UNK B 15 4.73 -27.18 11.65
N UNK B 16 5.23 -26.03 12.11
CA UNK B 16 5.49 -24.84 11.24
C UNK B 16 6.41 -25.12 10.03
N UNK B 17 7.19 -26.20 10.11
CA UNK B 17 7.96 -26.70 8.95
C UNK B 17 7.05 -27.42 7.95
N UNK B 18 6.24 -28.35 8.47
CA UNK B 18 5.25 -29.09 7.67
C UNK B 18 4.30 -28.15 6.95
N UNK B 19 3.76 -27.16 7.67
CA UNK B 19 2.85 -26.16 7.11
C UNK B 19 3.49 -25.38 5.96
N UNK B 20 4.81 -25.19 6.00
CA UNK B 20 5.54 -24.50 4.91
C UNK B 20 5.57 -25.36 3.64
N UNK B 21 5.85 -26.65 3.80
CA UNK B 21 5.87 -27.60 2.66
C UNK B 21 4.49 -27.76 2.00
N UNK B 22 3.42 -27.67 2.81
CA UNK B 22 2.05 -27.78 2.31
C UNK B 22 1.73 -26.64 1.35
N UNK B 23 1.91 -25.39 1.79
CA UNK B 23 1.71 -24.21 0.95
C UNK B 23 2.74 -24.15 -0.19
N UNK B 24 4.00 -24.44 0.11
CA UNK B 24 5.06 -24.52 -0.91
C UNK B 24 4.72 -25.54 -2.01
N UNK B 25 3.93 -26.55 -1.66
CA UNK B 25 3.41 -27.51 -2.63
C UNK B 25 2.37 -26.86 -3.55
N UNK B 26 1.43 -26.11 -2.94
CA UNK B 26 0.28 -25.55 -3.67
C UNK B 26 0.58 -24.30 -4.51
N UNK B 27 1.73 -24.26 -5.17
CA UNK B 27 2.05 -23.26 -6.21
C UNK B 27 2.54 -23.98 -7.48
UNK UNX C . 6.84 21.05 2.15
UNK UNX D . -5.72 10.63 -1.90
UNK UNX E . 19.33 14.83 -12.18
UNK UNX F . 4.58 8.49 6.42
UNK UNX G . 1.95 10.68 7.97
UNK UNX H . -24.09 -14.89 -1.90
UNK UNX I . -3.21 3.35 2.70
UNK UNX J . -0.15 4.53 1.90
UNK UNX K . -7.40 -3.64 -1.74
UNK UNX L . -1.35 -6.09 13.17
UNK UNX M . 27.50 -3.09 -4.34
UNK UNX N . 7.61 5.18 -16.20
UNK UNX O . -0.97 11.53 -19.78
UNK UNX P . -10.20 22.14 -3.98
UNK UNX Q . -9.18 34.48 -3.04
UNK UNX R . 0.55 1.62 -17.13
UNK UNX S . -8.49 16.67 0.10
UNK UNX T . 8.98 -14.07 0.12
UNK UNX U . 19.39 -3.00 -10.72
#